data_3U0N
#
_entry.id   3U0N
#
_cell.length_a   67.269
_cell.length_b   82.523
_cell.length_c   88.910
_cell.angle_alpha   90.00
_cell.angle_beta   90.00
_cell.angle_gamma   90.00
#
_symmetry.space_group_name_H-M   'I 2 2 2'
#
loop_
_entity.id
_entity.type
_entity.pdbx_description
1 polymer mRuby
2 non-polymer 'SULFATE ION'
3 water water
#
_entity_poly.entity_id   1
_entity_poly.type   'polypeptide(L)'
_entity_poly.pdbx_seq_one_letter_code
;DRWGSMNSLIKENMRMKVVLEGSVNGHQFKCTGEGEGNPYMGTQTMRIKVIEGGPLPFAFDILATSF(NRQ)SRTFIKYP
KGIPDFFKQSFPEGFTWERVTRYEDGGVITVMQDTSLEDGCLVYHAQVRGVNFPSNGAVMQKKTKGWEPNTEMMYPADGG
LRGYTHMALKVDGGGHLSCSFVTTYRSKKTVGNIKMPGIHAVSHRLERLEESDNEMFVVQREHAVAKFAGLGGG
;
_entity_poly.pdbx_strand_id   A
#
loop_
_chem_comp.id
_chem_comp.type
_chem_comp.name
_chem_comp.formula
SO4 non-polymer 'SULFATE ION' 'O4 S -2'
#
# COMPACT_ATOMS: atom_id res chain seq x y z
N LEU A 9 11.09 18.97 -5.10
CA LEU A 9 11.49 17.65 -4.61
C LEU A 9 10.63 16.53 -5.21
N ILE A 10 9.32 16.78 -5.31
CA ILE A 10 8.40 15.81 -5.90
C ILE A 10 8.00 16.31 -7.28
N LYS A 11 8.55 15.67 -8.28
CA LYS A 11 8.42 16.13 -9.66
C LYS A 11 7.19 15.47 -10.31
N GLU A 12 6.83 15.89 -11.52
CA GLU A 12 5.64 15.43 -12.16
C GLU A 12 5.80 13.99 -12.57
N ASN A 13 7.01 13.52 -12.78
CA ASN A 13 7.26 12.16 -12.97
CA ASN A 13 7.37 12.10 -13.08
C ASN A 13 8.35 11.74 -11.98
N MET A 14 8.01 10.79 -11.14
CA MET A 14 8.87 10.39 -10.08
C MET A 14 9.02 8.85 -10.11
N ARG A 15 10.23 8.38 -9.90
CA ARG A 15 10.54 6.99 -9.85
C ARG A 15 10.56 6.51 -8.39
N MET A 16 10.30 5.21 -8.20
CA MET A 16 10.41 4.62 -6.88
CA MET A 16 10.38 4.60 -6.87
C MET A 16 11.04 3.25 -6.96
N LYS A 17 11.62 2.85 -5.85
CA LYS A 17 12.29 1.51 -5.72
C LYS A 17 11.88 1.00 -4.37
N VAL A 18 11.63 -0.28 -4.27
CA VAL A 18 11.17 -0.86 -3.03
C VAL A 18 11.80 -2.22 -2.74
N VAL A 19 12.09 -2.44 -1.46
CA VAL A 19 12.42 -3.73 -0.89
C VAL A 19 11.34 -4.13 0.07
N LEU A 20 10.73 -5.28 -0.10
CA LEU A 20 9.62 -5.74 0.78
C LEU A 20 10.04 -7.13 1.26
N GLU A 21 10.08 -7.40 2.56
CA GLU A 21 10.54 -8.70 3.00
C GLU A 21 9.80 -9.07 4.24
N GLY A 22 9.86 -10.36 4.59
CA GLY A 22 9.21 -10.76 5.81
C GLY A 22 8.79 -12.22 5.71
N SER A 23 7.65 -12.54 6.33
CA SER A 23 7.13 -13.89 6.30
C SER A 23 5.66 -13.90 6.35
N VAL A 24 5.03 -14.91 5.76
CA VAL A 24 3.60 -15.17 5.90
C VAL A 24 3.45 -16.66 6.27
N ASN A 25 2.78 -16.93 7.37
CA ASN A 25 2.59 -18.33 7.87
C ASN A 25 3.96 -19.04 7.88
N GLY A 26 4.95 -18.35 8.38
CA GLY A 26 6.26 -18.86 8.55
C GLY A 26 7.12 -18.97 7.32
N HIS A 27 6.61 -18.60 6.18
CA HIS A 27 7.36 -18.68 4.94
C HIS A 27 8.11 -17.35 4.64
N GLN A 28 9.43 -17.36 4.65
CA GLN A 28 10.25 -16.13 4.48
CA GLN A 28 10.22 -16.14 4.49
C GLN A 28 10.41 -15.82 3.01
N PHE A 29 10.44 -14.52 2.69
CA PHE A 29 10.60 -14.11 1.31
C PHE A 29 11.09 -12.69 1.29
N LYS A 30 11.55 -12.33 0.09
CA LYS A 30 12.00 -10.97 -0.19
C LYS A 30 11.65 -10.66 -1.65
N CYS A 31 11.07 -9.45 -1.85
CA CYS A 31 10.65 -8.95 -3.16
C CYS A 31 11.28 -7.56 -3.37
N THR A 32 11.58 -7.26 -4.65
CA THR A 32 12.12 -5.99 -5.01
C THR A 32 11.26 -5.43 -6.18
N GLY A 33 11.03 -4.14 -6.12
CA GLY A 33 10.26 -3.51 -7.14
C GLY A 33 10.82 -2.17 -7.55
N GLU A 34 10.45 -1.77 -8.73
CA GLU A 34 10.82 -0.43 -9.22
C GLU A 34 9.75 0.03 -10.18
N GLY A 35 9.50 1.34 -10.15
CA GLY A 35 8.42 1.89 -10.99
C GLY A 35 8.52 3.39 -11.16
N GLU A 36 7.39 3.90 -11.57
CA GLU A 36 7.27 5.33 -11.77
C GLU A 36 5.83 5.73 -11.79
N GLY A 37 5.59 7.04 -11.71
CA GLY A 37 4.25 7.55 -11.74
C GLY A 37 4.25 9.08 -11.79
N ASN A 38 3.03 9.61 -11.75
CA ASN A 38 2.79 11.05 -11.74
CA ASN A 38 2.78 11.05 -11.75
C ASN A 38 2.12 11.36 -10.39
N PRO A 39 2.92 11.87 -9.47
CA PRO A 39 2.35 11.98 -8.10
C PRO A 39 1.25 12.95 -8.00
N TYR A 40 1.21 13.97 -8.84
CA TYR A 40 0.14 14.93 -8.74
C TYR A 40 -1.12 14.47 -9.45
N MET A 41 -1.03 13.51 -10.36
CA MET A 41 -2.20 12.87 -10.99
C MET A 41 -2.72 11.62 -10.27
N GLY A 42 -1.97 11.19 -9.23
CA GLY A 42 -2.42 10.05 -8.44
C GLY A 42 -2.24 8.75 -9.17
N THR A 43 -1.29 8.63 -10.09
CA THR A 43 -1.11 7.36 -10.87
C THR A 43 0.30 6.82 -10.69
N GLN A 44 0.45 5.50 -10.68
CA GLN A 44 1.76 4.90 -10.58
C GLN A 44 1.70 3.44 -11.03
N THR A 45 2.78 2.97 -11.58
CA THR A 45 2.95 1.58 -11.91
C THR A 45 4.25 1.04 -11.33
N MET A 46 4.22 -0.21 -10.88
CA MET A 46 5.43 -0.84 -10.28
CA MET A 46 5.42 -0.86 -10.22
C MET A 46 5.61 -2.26 -10.86
N ARG A 47 6.85 -2.58 -11.15
CA ARG A 47 7.25 -3.92 -11.59
C ARG A 47 7.94 -4.56 -10.43
N ILE A 48 7.45 -5.75 -10.09
CA ILE A 48 7.87 -6.48 -8.82
C ILE A 48 8.33 -7.90 -9.14
N LYS A 49 9.45 -8.23 -8.57
CA LYS A 49 10.07 -9.56 -8.61
C LYS A 49 10.13 -10.16 -7.22
N VAL A 50 9.83 -11.48 -7.12
CA VAL A 50 10.09 -12.21 -5.85
C VAL A 50 11.53 -12.76 -5.99
N ILE A 51 12.48 -12.28 -5.25
CA ILE A 51 13.85 -12.63 -5.42
C ILE A 51 14.34 -13.67 -4.41
N GLU A 52 13.66 -13.88 -3.28
CA GLU A 52 13.94 -14.93 -2.33
C GLU A 52 12.66 -15.48 -1.87
N GLY A 53 12.65 -16.82 -1.71
CA GLY A 53 11.47 -17.49 -1.21
C GLY A 53 10.39 -17.80 -2.18
N GLY A 54 10.60 -17.61 -3.48
CA GLY A 54 9.58 -17.91 -4.46
C GLY A 54 9.66 -19.35 -4.94
N PRO A 55 8.55 -19.88 -5.44
CA PRO A 55 7.28 -19.22 -5.61
C PRO A 55 6.56 -19.16 -4.23
N LEU A 56 5.92 -18.07 -4.00
CA LEU A 56 5.26 -17.88 -2.70
C LEU A 56 4.09 -18.82 -2.59
N PRO A 57 3.90 -19.42 -1.41
CA PRO A 57 2.75 -20.36 -1.24
C PRO A 57 1.53 -19.65 -0.74
N PHE A 58 1.34 -18.40 -1.12
CA PHE A 58 0.18 -17.59 -0.72
C PHE A 58 -0.08 -16.58 -1.81
N ALA A 59 -1.27 -16.04 -1.88
CA ALA A 59 -1.66 -15.07 -2.90
C ALA A 59 -0.84 -13.79 -2.78
N PHE A 60 -0.30 -13.36 -3.90
CA PHE A 60 0.43 -12.12 -3.94
C PHE A 60 -0.47 -10.94 -3.58
N ASP A 61 -1.77 -11.03 -3.87
CA ASP A 61 -2.71 -9.99 -3.55
C ASP A 61 -2.55 -9.49 -2.06
N ILE A 62 -2.12 -10.35 -1.13
CA ILE A 62 -2.06 -9.91 0.25
C ILE A 62 -0.88 -8.95 0.51
N LEU A 63 0.05 -8.91 -0.45
CA LEU A 63 1.20 -8.01 -0.37
C LEU A 63 1.05 -6.79 -1.19
N ALA A 64 0.06 -6.79 -2.07
CA ALA A 64 0.01 -5.82 -3.19
C ALA A 64 -0.20 -4.46 -2.60
N THR A 65 -0.97 -4.28 -1.49
CA THR A 65 -1.19 -3.04 -0.88
C THR A 65 -0.07 -2.51 0.05
N SER A 66 1.08 -3.23 0.13
CA SER A 66 2.24 -2.90 0.89
C SER A 66 3.36 -2.23 0.04
N PHE A 67 3.22 -2.38 -1.29
CA PHE A 67 4.24 -1.80 -2.18
C PHE A 67 4.11 -0.31 -2.43
N1 NRQ A 68 3.04 0.36 -2.32
CE NRQ A 68 2.51 0.01 -7.00
SD NRQ A 68 0.89 0.35 -6.68
CG1 NRQ A 68 1.10 0.84 -4.91
CB1 NRQ A 68 1.30 -0.34 -4.02
CA1 NRQ A 68 1.70 0.11 -2.64
C1 NRQ A 68 0.64 0.64 -1.76
N2 NRQ A 68 -0.66 0.50 -2.08
OH NRQ A 68 -6.38 -0.51 -4.59
OH NRQ A 68 -7.36 1.70 1.75
CD2 NRQ A 68 -4.95 0.55 -1.52
CD2 NRQ A 68 -5.09 0.80 -0.87
CE2 NRQ A 68 -5.85 0.11 -2.45
CE2 NRQ A 68 -6.28 0.99 -0.20
CZ NRQ A 68 -5.42 -0.09 -3.72
CZ NRQ A 68 -6.20 1.52 1.08
CE1 NRQ A 68 -4.10 0.13 -4.09
CE1 NRQ A 68 -4.95 1.82 1.67
CD1 NRQ A 68 -3.20 0.55 -3.15
CD1 NRQ A 68 -3.77 1.59 0.95
CG2 NRQ A 68 -3.66 0.78 -1.89
CG2 NRQ A 68 -3.85 1.09 -0.33
CB2 NRQ A 68 -2.73 1.17 -0.84
CB2 NRQ A 68 -2.74 0.83 -1.27
CA2 NRQ A 68 -1.31 1.02 -1.04
C2 NRQ A 68 -0.43 1.47 -0.07
O2 NRQ A 68 -0.64 2.02 1.06
N3 NRQ A 68 0.81 1.27 -0.55
CA3 NRQ A 68 1.99 1.50 0.17
C3 NRQ A 68 2.80 2.66 -0.33
O3 NRQ A 68 3.81 2.93 0.30
N SER A 69 2.30 3.36 -1.31
CA SER A 69 3.11 4.36 -2.06
C SER A 69 2.36 5.71 -2.06
N ARG A 70 2.28 6.29 -0.88
CA ARG A 70 1.33 7.33 -0.62
C ARG A 70 1.64 8.76 -1.17
N THR A 71 2.83 8.93 -1.75
CA THR A 71 3.21 10.18 -2.37
C THR A 71 2.43 10.35 -3.62
N PHE A 72 1.84 9.30 -4.18
CA PHE A 72 1.16 9.32 -5.47
C PHE A 72 -0.37 9.42 -5.33
N ILE A 73 -0.86 10.34 -4.57
CA ILE A 73 -2.30 10.58 -4.44
C ILE A 73 -2.58 11.98 -5.02
N LYS A 74 -3.63 12.13 -5.82
CA LYS A 74 -4.09 13.37 -6.36
C LYS A 74 -4.85 14.08 -5.23
N TYR A 75 -4.37 15.21 -4.75
CA TYR A 75 -5.04 16.06 -3.74
C TYR A 75 -5.61 17.28 -4.37
N PRO A 76 -6.91 17.58 -4.11
CA PRO A 76 -7.52 18.81 -4.62
C PRO A 76 -7.21 19.98 -3.70
N LYS A 77 -7.44 21.21 -4.24
CA LYS A 77 -7.31 22.40 -3.44
C LYS A 77 -8.36 22.32 -2.38
N GLY A 78 -7.95 22.61 -1.16
CA GLY A 78 -8.79 22.45 0.00
C GLY A 78 -8.46 21.31 0.94
N ILE A 79 -7.60 20.41 0.44
CA ILE A 79 -7.08 19.29 1.26
C ILE A 79 -5.54 19.23 1.14
N PRO A 80 -4.88 19.71 2.15
CA PRO A 80 -3.37 19.64 2.18
C PRO A 80 -2.90 18.19 2.03
N ASP A 81 -1.81 18.04 1.32
CA ASP A 81 -1.21 16.71 1.07
C ASP A 81 -0.11 16.52 2.05
N PHE A 82 -0.40 15.71 3.06
CA PHE A 82 0.52 15.34 4.12
C PHE A 82 1.80 14.70 3.63
N PHE A 83 1.62 13.85 2.65
CA PHE A 83 2.73 13.01 2.20
C PHE A 83 3.74 13.86 1.41
N LYS A 84 3.28 14.58 0.43
CA LYS A 84 4.20 15.44 -0.35
C LYS A 84 4.91 16.44 0.54
N GLN A 85 4.23 16.98 1.53
CA GLN A 85 4.82 17.98 2.40
C GLN A 85 5.92 17.41 3.28
N SER A 86 5.99 16.08 3.44
CA SER A 86 6.89 15.44 4.35
CA SER A 86 6.92 15.47 4.39
C SER A 86 8.35 15.41 3.83
N PHE A 87 8.52 15.74 2.59
CA PHE A 87 9.87 15.66 1.96
C PHE A 87 10.67 16.89 2.27
N PRO A 88 12.02 16.78 2.30
CA PRO A 88 12.81 15.69 1.90
C PRO A 88 12.91 14.50 2.88
N GLU A 89 12.52 14.65 4.15
CA GLU A 89 12.74 13.66 5.21
C GLU A 89 11.97 12.40 4.95
N GLY A 90 10.74 12.54 4.40
CA GLY A 90 9.83 11.38 4.15
C GLY A 90 8.89 11.06 5.29
N PHE A 91 8.43 9.84 5.32
CA PHE A 91 7.45 9.48 6.32
C PHE A 91 7.54 7.98 6.47
N THR A 92 6.84 7.51 7.49
CA THR A 92 6.66 6.07 7.72
C THR A 92 5.20 5.67 7.81
N TRP A 93 4.93 4.39 7.67
CA TRP A 93 3.54 3.93 7.94
C TRP A 93 3.61 2.55 8.60
N GLU A 94 2.64 2.28 9.47
CA GLU A 94 2.57 1.05 10.25
CA GLU A 94 2.56 1.05 10.24
C GLU A 94 1.11 0.62 10.11
N ARG A 95 0.89 -0.61 9.77
CA ARG A 95 -0.44 -1.10 9.43
C ARG A 95 -0.65 -2.45 10.03
N VAL A 96 -1.84 -2.75 10.61
CA VAL A 96 -2.25 -4.05 10.91
C VAL A 96 -3.58 -4.36 10.14
N THR A 97 -3.54 -5.38 9.32
CA THR A 97 -4.59 -5.81 8.45
C THR A 97 -5.17 -7.11 9.01
N ARG A 98 -6.46 -7.08 9.24
CA ARG A 98 -7.17 -8.29 9.70
C ARG A 98 -8.16 -8.72 8.68
N TYR A 99 -8.02 -9.97 8.26
CA TYR A 99 -8.91 -10.63 7.31
C TYR A 99 -10.04 -11.37 8.02
N GLU A 100 -11.15 -11.52 7.33
CA GLU A 100 -12.32 -12.10 8.00
C GLU A 100 -12.13 -13.55 8.30
N ASP A 101 -11.16 -14.23 7.70
CA ASP A 101 -10.94 -15.60 8.09
C ASP A 101 -9.82 -15.82 9.06
N GLY A 102 -9.41 -14.76 9.67
CA GLY A 102 -8.48 -14.79 10.80
C GLY A 102 -7.04 -14.38 10.47
N GLY A 103 -6.72 -14.32 9.20
CA GLY A 103 -5.36 -13.91 8.82
C GLY A 103 -5.06 -12.50 9.33
N VAL A 104 -3.84 -12.27 9.84
CA VAL A 104 -3.44 -10.99 10.35
C VAL A 104 -2.10 -10.67 9.70
N ILE A 105 -1.94 -9.47 9.10
CA ILE A 105 -0.66 -9.04 8.51
CA ILE A 105 -0.61 -9.13 8.59
C ILE A 105 -0.25 -7.74 9.11
N THR A 106 0.96 -7.63 9.65
CA THR A 106 1.47 -6.40 10.24
C THR A 106 2.58 -5.93 9.30
N VAL A 107 2.56 -4.64 8.96
CA VAL A 107 3.57 -4.09 8.04
C VAL A 107 4.09 -2.81 8.60
N MET A 108 5.43 -2.64 8.57
CA MET A 108 6.11 -1.44 8.94
C MET A 108 6.89 -0.95 7.72
N GLN A 109 6.66 0.27 7.30
CA GLN A 109 7.23 0.79 6.04
C GLN A 109 7.91 2.15 6.31
N ASP A 110 9.10 2.32 5.70
CA ASP A 110 9.79 3.56 5.68
C ASP A 110 9.80 4.08 4.24
N THR A 111 9.55 5.35 4.05
CA THR A 111 9.62 6.03 2.76
C THR A 111 10.67 7.13 2.84
N SER A 112 11.63 7.09 1.93
CA SER A 112 12.73 8.05 1.86
C SER A 112 12.91 8.54 0.45
N LEU A 113 13.63 9.69 0.36
CA LEU A 113 13.93 10.32 -0.93
C LEU A 113 15.44 10.31 -1.05
N GLU A 114 15.98 9.52 -1.98
CA GLU A 114 17.39 9.29 -2.08
C GLU A 114 17.82 9.46 -3.55
N ASP A 115 18.72 10.42 -3.78
CA ASP A 115 19.19 10.73 -5.12
C ASP A 115 18.07 11.04 -6.12
N GLY A 116 17.00 11.65 -5.60
CA GLY A 116 15.85 12.02 -6.35
C GLY A 116 14.85 10.91 -6.62
N CYS A 117 15.05 9.74 -6.12
CA CYS A 117 14.18 8.59 -6.27
CA CYS A 117 14.08 8.66 -6.26
C CYS A 117 13.47 8.35 -4.91
N LEU A 118 12.22 7.94 -4.96
CA LEU A 118 11.56 7.44 -3.75
C LEU A 118 12.04 6.03 -3.42
N VAL A 119 12.38 5.77 -2.20
CA VAL A 119 12.93 4.46 -1.81
C VAL A 119 12.10 3.98 -0.59
N TYR A 120 11.57 2.80 -0.75
CA TYR A 120 10.68 2.24 0.27
C TYR A 120 11.35 0.98 0.84
N HIS A 121 11.14 0.77 2.11
CA HIS A 121 11.47 -0.52 2.71
CA HIS A 121 11.53 -0.48 2.77
C HIS A 121 10.28 -0.94 3.56
N ALA A 122 9.73 -2.13 3.32
CA ALA A 122 8.52 -2.67 4.05
C ALA A 122 8.98 -3.99 4.66
N GLN A 123 8.62 -4.17 5.93
CA GLN A 123 8.85 -5.40 6.66
C GLN A 123 7.44 -5.92 7.00
N VAL A 124 7.17 -7.15 6.64
CA VAL A 124 5.83 -7.71 6.78
CA VAL A 124 5.84 -7.80 6.69
C VAL A 124 5.84 -9.03 7.57
N ARG A 125 4.82 -9.20 8.45
CA ARG A 125 4.66 -10.45 9.14
C ARG A 125 3.21 -10.87 9.14
N GLY A 126 2.93 -11.95 8.46
CA GLY A 126 1.54 -12.45 8.41
C GLY A 126 1.47 -13.79 9.16
N VAL A 127 0.38 -13.97 9.84
CA VAL A 127 0.07 -15.16 10.60
C VAL A 127 -1.37 -15.49 10.53
N ASN A 128 -1.67 -16.71 10.93
CA ASN A 128 -3.01 -17.16 11.15
C ASN A 128 -3.88 -17.30 9.87
N PHE A 129 -3.30 -17.31 8.71
CA PHE A 129 -4.08 -17.58 7.51
C PHE A 129 -4.49 -19.06 7.48
N PRO A 130 -5.74 -19.34 7.22
CA PRO A 130 -6.14 -20.76 7.16
C PRO A 130 -5.46 -21.46 6.01
N SER A 131 -4.95 -22.66 6.33
CA SER A 131 -4.19 -23.42 5.31
C SER A 131 -4.91 -23.71 4.02
N ASN A 132 -6.21 -23.90 4.06
CA ASN A 132 -6.98 -24.20 2.88
CA ASN A 132 -7.03 -24.23 2.90
C ASN A 132 -7.90 -23.06 2.45
N GLY A 133 -7.62 -21.85 2.97
CA GLY A 133 -8.32 -20.64 2.59
C GLY A 133 -7.87 -20.04 1.28
N ALA A 134 -8.61 -19.05 0.79
CA ALA A 134 -8.33 -18.52 -0.50
C ALA A 134 -6.92 -17.96 -0.62
N VAL A 135 -6.40 -17.38 0.47
CA VAL A 135 -5.07 -16.77 0.45
C VAL A 135 -4.00 -17.85 0.29
N MET A 136 -4.01 -18.84 1.17
CA MET A 136 -2.95 -19.85 1.15
C MET A 136 -3.11 -20.83 0.01
N GLN A 137 -4.30 -20.91 -0.60
CA GLN A 137 -4.47 -21.75 -1.77
C GLN A 137 -4.41 -20.97 -3.07
N LYS A 138 -4.07 -19.68 -3.00
CA LYS A 138 -3.92 -18.85 -4.21
C LYS A 138 -5.19 -18.83 -5.09
N LYS A 139 -6.31 -18.56 -4.47
CA LYS A 139 -7.62 -18.52 -5.12
C LYS A 139 -8.23 -17.11 -5.11
N THR A 140 -7.35 -16.11 -5.17
CA THR A 140 -7.77 -14.72 -5.16
C THR A 140 -7.69 -14.07 -6.53
N LYS A 141 -8.49 -13.00 -6.73
CA LYS A 141 -8.65 -12.37 -8.06
C LYS A 141 -8.57 -10.86 -8.00
N GLY A 142 -7.78 -10.36 -7.09
CA GLY A 142 -7.55 -8.90 -6.99
C GLY A 142 -8.54 -8.18 -6.09
N TRP A 143 -8.27 -6.91 -5.86
CA TRP A 143 -8.97 -6.07 -4.92
C TRP A 143 -10.05 -5.24 -5.58
N GLU A 144 -11.23 -5.10 -4.93
CA GLU A 144 -12.23 -4.19 -5.37
C GLU A 144 -11.75 -2.75 -5.06
N PRO A 145 -12.23 -1.78 -5.83
CA PRO A 145 -11.90 -0.38 -5.52
C PRO A 145 -12.43 -0.07 -4.13
N ASN A 146 -11.74 0.84 -3.38
CA ASN A 146 -12.12 1.16 -2.05
C ASN A 146 -11.90 2.60 -1.73
N THR A 147 -12.44 3.01 -0.56
CA THR A 147 -12.21 4.36 -0.05
C THR A 147 -11.61 4.25 1.33
N GLU A 148 -10.52 4.92 1.53
CA GLU A 148 -9.81 4.98 2.82
C GLU A 148 -10.20 6.30 3.52
N MET A 149 -10.67 6.25 4.75
CA MET A 149 -10.85 7.47 5.48
C MET A 149 -9.60 7.92 6.11
N MET A 150 -9.27 9.19 6.10
CA MET A 150 -8.01 9.73 6.66
CA MET A 150 -8.03 9.72 6.65
C MET A 150 -8.37 10.73 7.70
N TYR A 151 -7.83 10.57 8.88
CA TYR A 151 -8.07 11.43 10.06
C TYR A 151 -6.83 11.98 10.59
N PRO A 152 -6.83 13.30 10.83
CA PRO A 152 -5.63 13.90 11.56
C PRO A 152 -5.56 13.40 12.95
N ALA A 153 -4.35 13.10 13.41
CA ALA A 153 -4.09 12.54 14.72
C ALA A 153 -2.72 12.98 15.20
N ASP A 154 -2.74 13.98 16.08
CA ASP A 154 -1.50 14.49 16.76
C ASP A 154 -0.28 14.66 15.76
N GLY A 155 -0.51 15.37 14.70
CA GLY A 155 0.49 15.72 13.69
C GLY A 155 0.86 14.61 12.76
N GLY A 156 0.16 13.51 12.84
CA GLY A 156 0.15 12.50 11.74
C GLY A 156 -1.25 12.16 11.29
N LEU A 157 -1.42 11.08 10.55
CA LEU A 157 -2.71 10.66 10.05
C LEU A 157 -2.99 9.28 10.47
N ARG A 158 -4.27 8.98 10.67
CA ARG A 158 -4.74 7.59 10.76
C ARG A 158 -5.64 7.29 9.63
N GLY A 159 -5.35 6.22 8.90
CA GLY A 159 -6.13 5.84 7.76
C GLY A 159 -6.94 4.63 8.19
N TYR A 160 -8.16 4.52 7.75
CA TYR A 160 -9.02 3.41 8.09
C TYR A 160 -9.71 2.96 6.84
N THR A 161 -9.55 1.65 6.51
CA THR A 161 -9.94 1.05 5.30
CA THR A 161 -10.29 1.20 5.34
C THR A 161 -10.73 -0.26 5.56
N HIS A 162 -11.81 -0.51 4.82
CA HIS A 162 -12.47 -1.83 4.70
C HIS A 162 -12.35 -2.21 3.25
N MET A 163 -11.65 -3.29 2.91
CA MET A 163 -11.31 -3.65 1.55
C MET A 163 -11.96 -5.03 1.30
N ALA A 164 -12.19 -5.35 0.05
CA ALA A 164 -12.78 -6.64 -0.35
C ALA A 164 -11.87 -7.28 -1.43
N LEU A 165 -11.33 -8.43 -1.06
CA LEU A 165 -10.50 -9.23 -1.93
C LEU A 165 -11.41 -10.22 -2.67
N LYS A 166 -11.36 -10.15 -3.99
CA LYS A 166 -12.16 -11.02 -4.84
C LYS A 166 -11.56 -12.46 -4.71
N VAL A 167 -12.44 -13.44 -4.65
CA VAL A 167 -12.02 -14.85 -4.61
C VAL A 167 -12.70 -15.67 -5.72
N ASP A 168 -12.03 -16.75 -6.07
CA ASP A 168 -12.63 -17.75 -7.00
C ASP A 168 -14.00 -18.14 -6.49
N GLY A 169 -15.02 -18.14 -7.38
CA GLY A 169 -16.38 -18.49 -6.98
C GLY A 169 -17.31 -17.27 -6.85
N GLY A 170 -16.67 -16.11 -7.10
CA GLY A 170 -17.24 -14.71 -7.18
C GLY A 170 -17.50 -14.05 -5.82
N GLY A 171 -17.10 -14.71 -4.73
CA GLY A 171 -17.24 -14.11 -3.41
C GLY A 171 -16.09 -13.08 -3.16
N HIS A 172 -16.18 -12.52 -1.98
CA HIS A 172 -15.13 -11.65 -1.46
C HIS A 172 -14.72 -12.03 -0.06
N LEU A 173 -13.46 -11.81 0.25
CA LEU A 173 -12.93 -11.91 1.62
CA LEU A 173 -12.99 -11.92 1.60
C LEU A 173 -12.76 -10.48 2.08
N SER A 174 -13.38 -10.10 3.17
CA SER A 174 -13.28 -8.77 3.72
C SER A 174 -11.99 -8.67 4.52
N CYS A 175 -11.45 -7.44 4.55
CA CYS A 175 -10.38 -7.13 5.47
C CYS A 175 -10.55 -5.70 5.96
N SER A 176 -10.00 -5.41 7.11
CA SER A 176 -9.96 -4.03 7.57
CA SER A 176 -9.99 -4.07 7.66
C SER A 176 -8.59 -3.71 8.02
N PHE A 177 -8.24 -2.45 7.85
CA PHE A 177 -7.02 -2.05 8.52
C PHE A 177 -6.95 -0.62 8.89
N VAL A 178 -6.07 -0.35 9.85
CA VAL A 178 -5.82 0.98 10.39
C VAL A 178 -4.35 1.18 10.12
N THR A 179 -4.03 2.33 9.49
CA THR A 179 -2.68 2.68 9.23
C THR A 179 -2.31 3.92 9.99
N THR A 180 -1.18 3.93 10.63
CA THR A 180 -0.64 5.13 11.30
C THR A 180 0.42 5.68 10.33
N TYR A 181 0.21 6.91 9.86
CA TYR A 181 1.17 7.61 8.99
C TYR A 181 1.88 8.68 9.78
N ARG A 182 3.22 8.64 9.83
CA ARG A 182 3.99 9.57 10.67
C ARG A 182 5.02 10.24 9.81
N SER A 183 5.15 11.55 9.91
CA SER A 183 6.12 12.32 9.16
C SER A 183 7.47 12.28 9.87
N LYS A 184 8.54 12.14 9.09
CA LYS A 184 9.88 12.28 9.67
C LYS A 184 10.36 13.69 9.57
N LYS A 185 9.59 14.62 9.06
CA LYS A 185 10.01 16.02 8.97
C LYS A 185 9.84 16.61 10.39
N THR A 186 10.91 17.07 10.96
CA THR A 186 10.81 17.88 12.15
C THR A 186 11.46 19.24 11.94
N VAL A 187 12.16 19.47 10.80
CA VAL A 187 12.47 20.86 10.27
C VAL A 187 11.51 21.45 9.14
N GLY A 188 10.75 22.48 9.53
CA GLY A 188 9.65 22.97 8.71
C GLY A 188 8.42 22.28 9.30
N ASN A 189 7.26 22.85 9.02
CA ASN A 189 6.00 22.37 9.55
C ASN A 189 5.18 21.83 8.38
N ILE A 190 4.28 20.92 8.68
CA ILE A 190 3.33 20.43 7.68
C ILE A 190 2.03 21.09 8.00
N LYS A 191 1.39 21.56 6.95
CA LYS A 191 0.01 22.08 7.02
C LYS A 191 -0.90 20.83 7.05
N MET A 192 -1.57 20.63 8.15
CA MET A 192 -2.36 19.38 8.34
C MET A 192 -3.66 19.47 7.60
N PRO A 193 -4.10 18.37 6.96
CA PRO A 193 -5.43 18.32 6.39
C PRO A 193 -6.44 18.11 7.43
N GLY A 194 -7.64 18.41 7.03
CA GLY A 194 -8.82 17.93 7.73
C GLY A 194 -9.14 16.50 7.38
N ILE A 195 -10.14 15.93 8.03
CA ILE A 195 -10.67 14.61 7.62
C ILE A 195 -11.01 14.57 6.16
N HIS A 196 -10.60 13.51 5.45
CA HIS A 196 -10.90 13.38 4.06
C HIS A 196 -10.87 11.95 3.69
N ALA A 197 -11.15 11.61 2.46
CA ALA A 197 -11.20 10.24 1.96
C ALA A 197 -10.32 10.10 0.78
N VAL A 198 -9.74 8.90 0.62
CA VAL A 198 -8.91 8.65 -0.59
C VAL A 198 -9.54 7.46 -1.33
N SER A 199 -9.92 7.63 -2.59
CA SER A 199 -10.45 6.56 -3.43
C SER A 199 -9.26 5.91 -4.13
N HIS A 200 -9.20 4.59 -4.05
CA HIS A 200 -8.13 3.81 -4.65
C HIS A 200 -8.68 2.81 -5.60
N ARG A 201 -7.90 2.55 -6.67
CA ARG A 201 -8.17 1.41 -7.57
C ARG A 201 -6.81 0.78 -7.88
N LEU A 202 -6.61 -0.46 -7.48
CA LEU A 202 -5.32 -1.15 -7.71
C LEU A 202 -5.63 -2.20 -8.64
N GLU A 203 -4.93 -2.23 -9.78
CA GLU A 203 -5.09 -3.18 -10.87
C GLU A 203 -3.80 -3.97 -11.17
N ARG A 204 -4.01 -5.26 -11.37
CA ARG A 204 -2.91 -6.11 -11.81
C ARG A 204 -2.80 -6.05 -13.28
N LEU A 205 -1.68 -5.62 -13.81
CA LEU A 205 -1.48 -5.50 -15.26
C LEU A 205 -0.86 -6.74 -15.89
N GLU A 206 0.03 -7.42 -15.22
CA GLU A 206 0.75 -8.54 -15.79
C GLU A 206 1.06 -9.45 -14.60
N GLU A 207 1.17 -10.76 -14.87
CA GLU A 207 1.75 -11.61 -13.90
C GLU A 207 2.35 -12.82 -14.63
N SER A 208 3.36 -13.39 -14.03
CA SER A 208 3.91 -14.61 -14.49
C SER A 208 3.11 -15.76 -13.87
N ASP A 209 3.33 -17.00 -14.36
CA ASP A 209 2.58 -18.21 -13.82
C ASP A 209 2.41 -18.42 -12.30
N ASN A 210 3.46 -18.30 -11.62
CA ASN A 210 3.54 -18.51 -10.17
CA ASN A 210 3.34 -18.48 -10.15
C ASN A 210 3.57 -17.16 -9.42
N GLU A 211 3.21 -16.07 -10.09
CA GLU A 211 3.28 -14.71 -9.49
C GLU A 211 4.65 -14.30 -9.05
N MET A 212 5.71 -14.85 -9.63
CA MET A 212 7.04 -14.38 -9.20
CA MET A 212 7.05 -14.52 -9.41
C MET A 212 7.43 -13.08 -9.90
N PHE A 213 6.69 -12.69 -10.91
CA PHE A 213 6.79 -11.38 -11.54
C PHE A 213 5.43 -10.80 -11.65
N VAL A 214 5.23 -9.57 -11.15
CA VAL A 214 3.95 -8.89 -11.16
C VAL A 214 4.14 -7.43 -11.62
N VAL A 215 3.21 -6.92 -12.40
CA VAL A 215 3.16 -5.45 -12.64
C VAL A 215 1.79 -5.00 -12.19
N GLN A 216 1.81 -3.92 -11.38
CA GLN A 216 0.58 -3.37 -10.92
C GLN A 216 0.54 -1.86 -10.97
N ARG A 217 -0.69 -1.36 -11.10
CA ARG A 217 -0.92 0.08 -11.28
CA ARG A 217 -0.89 0.07 -11.22
C ARG A 217 -1.98 0.52 -10.29
N GLU A 218 -1.83 1.74 -9.80
CA GLU A 218 -2.75 2.27 -8.86
C GLU A 218 -3.17 3.68 -9.32
N HIS A 219 -4.45 3.99 -9.07
CA HIS A 219 -4.98 5.35 -9.22
CA HIS A 219 -4.98 5.35 -9.22
C HIS A 219 -5.53 5.72 -7.85
N ALA A 220 -5.14 6.85 -7.30
CA ALA A 220 -5.61 7.27 -5.91
C ALA A 220 -5.89 8.74 -5.96
N VAL A 221 -7.09 9.14 -5.48
CA VAL A 221 -7.54 10.53 -5.52
C VAL A 221 -8.21 10.85 -4.19
N ALA A 222 -7.74 11.92 -3.56
CA ALA A 222 -8.36 12.40 -2.33
C ALA A 222 -9.58 13.24 -2.68
N LYS A 223 -10.52 13.12 -1.73
CA LYS A 223 -11.81 13.80 -1.80
C LYS A 223 -12.29 14.19 -0.45
N PHE A 224 -13.25 15.18 -0.44
CA PHE A 224 -13.92 15.45 0.83
C PHE A 224 -14.85 14.27 1.25
N ALA A 225 -15.00 14.10 2.57
CA ALA A 225 -15.73 12.92 3.19
C ALA A 225 -17.23 13.07 3.59
N GLY A 226 -17.89 14.05 3.09
CA GLY A 226 -19.36 14.18 3.37
C GLY A 226 -19.62 14.29 4.90
N LEU A 227 -20.74 13.73 5.39
CA LEU A 227 -21.09 13.89 6.83
C LEU A 227 -19.99 13.32 7.73
N GLY A 228 -19.31 12.24 7.25
CA GLY A 228 -18.23 11.66 7.99
C GLY A 228 -17.01 12.50 8.11
N GLY A 229 -16.96 13.62 7.35
CA GLY A 229 -15.92 14.65 7.44
C GLY A 229 -16.06 15.61 8.57
N GLY A 230 -17.25 15.67 9.15
CA GLY A 230 -17.46 16.51 10.32
C GLY A 230 -17.77 17.93 9.95
S SO4 B . -4.83 23.68 0.38
O1 SO4 B . -5.98 23.38 1.28
O2 SO4 B . -4.44 25.10 0.31
O3 SO4 B . -3.69 22.95 0.84
O4 SO4 B . -5.08 23.21 -0.88
S SO4 C . 19.05 3.44 -11.36
O1 SO4 C . 19.50 3.39 -9.96
O2 SO4 C . 18.83 4.83 -11.87
O3 SO4 C . 20.06 2.70 -12.15
O4 SO4 C . 17.80 2.65 -11.49
#